data_6IRD
#
_entry.id   6IRD
#
_cell.length_a   69.089
_cell.length_b   69.089
_cell.length_c   200.375
_cell.angle_alpha   90.000
_cell.angle_beta   90.000
_cell.angle_gamma   120.000
#
_symmetry.space_group_name_H-M   'P 31 2 1'
#
loop_
_entity.id
_entity.type
_entity.pdbx_description
1 polymer '1-phosphatidylinositol 4,5-bisphosphate phosphodiesterase'
2 polymer 'InaD-like protein'
3 non-polymer 'GOLD ION'
#
loop_
_entity_poly.entity_id
_entity_poly.type
_entity_poly.pdbx_seq_one_letter_code
_entity_poly.pdbx_strand_id
1 'polypeptide(L)'
;EGELIPQVRIEDLKQMAAYLAHLAAQQAELNSLKAAHAAEHSTMQKLHCTQVDKIVAQYDKEKSTHEKILEKAMKKKGGS
NCLEIKKETEIKIQTLTTDHKSKVKEIVAQHTKEWSEMINTHSAEEQEIRDLHLSQQCELLRKLLINAHEQQTQQLKLSH
DRESKEMRAHQAKISMENSKAISQDKSIKNKAERERRVRELNSSNTKKFLEERKRLAMKQSKEMDQLKKVQLEHLEFLEK
QNEQAKEMQQMVKLEAEMDRRPATVV
;
B
2 'polypeptide(L)'
;LSVDPATCPIVPGQEMIIEISKGRSGLGLSIVGGKDTPLNAIVIHEVYEEGAAARDGRLWAGDQILEVNGVDLRNSSHEE
AITALRQTPQKVRLVVYRDEAHYRDEENLEIFPVDLQKKAGRGLGLSIVGKRNGSGVFISDIVKGGAADLDGRLIQGDQI
LSVNGEDMRNASQETVATILKCAQGLVQLEIGRLRAGSWTSARTTGGGSGGGGSGG
;
C
#
# COMPACT_ATOMS: atom_id res chain seq x y z
N VAL A 8 7.27 -18.68 14.11
CA VAL A 8 6.76 -18.65 15.47
C VAL A 8 7.82 -18.02 16.37
N ARG A 9 9.07 -18.19 15.95
CA ARG A 9 10.17 -17.44 16.56
C ARG A 9 10.12 -15.98 16.14
N ILE A 10 9.93 -15.73 14.84
CA ILE A 10 9.81 -14.36 14.35
C ILE A 10 8.67 -13.62 15.03
N GLU A 11 7.57 -14.31 15.33
CA GLU A 11 6.44 -13.66 15.98
C GLU A 11 6.78 -13.26 17.42
N ASP A 12 7.56 -14.07 18.14
CA ASP A 12 7.97 -13.67 19.48
C ASP A 12 8.86 -12.44 19.37
N LEU A 13 9.70 -12.43 18.33
CA LEU A 13 10.58 -11.32 18.01
C LEU A 13 9.81 -10.08 17.63
N LYS A 14 8.66 -10.25 16.97
CA LYS A 14 7.85 -9.15 16.45
C LYS A 14 6.90 -8.58 17.47
N GLN A 15 6.93 -9.06 18.72
CA GLN A 15 6.13 -8.52 19.82
C GLN A 15 7.01 -8.07 20.98
N MET A 16 8.27 -7.77 20.69
CA MET A 16 9.22 -7.30 21.67
C MET A 16 9.00 -5.84 21.97
N ALA A 17 9.50 -5.41 23.14
CA ALA A 17 9.27 -4.03 23.59
C ALA A 17 9.86 -3.01 22.64
N ALA A 18 11.09 -3.22 22.17
CA ALA A 18 11.69 -2.24 21.28
C ALA A 18 11.01 -2.22 19.92
N TYR A 19 10.61 -3.39 19.41
CA TYR A 19 10.02 -3.45 18.08
C TYR A 19 8.68 -2.73 18.05
N LEU A 20 7.85 -2.95 19.06
CA LEU A 20 6.53 -2.37 19.02
C LEU A 20 6.61 -0.85 19.08
N ALA A 21 7.62 -0.32 19.75
CA ALA A 21 7.74 1.13 19.83
C ALA A 21 8.09 1.72 18.47
N HIS A 22 8.97 1.03 17.73
CA HIS A 22 9.33 1.52 16.40
C HIS A 22 8.13 1.49 15.48
N LEU A 23 7.29 0.46 15.61
CA LEU A 23 6.07 0.44 14.82
C LEU A 23 5.21 1.65 15.16
N ALA A 24 5.07 1.94 16.45
CA ALA A 24 4.28 3.07 16.88
C ALA A 24 4.87 4.39 16.43
N ALA A 25 6.21 4.52 16.43
CA ALA A 25 6.82 5.76 15.96
C ALA A 25 6.69 5.89 14.45
N GLN A 26 6.66 4.76 13.74
CA GLN A 26 6.42 4.82 12.31
C GLN A 26 5.00 5.27 12.00
N GLN A 27 4.02 4.81 12.77
CA GLN A 27 2.64 5.23 12.49
C GLN A 27 2.42 6.71 12.78
N ALA A 28 3.15 7.29 13.75
CA ALA A 28 3.04 8.74 13.97
C ALA A 28 3.65 9.52 12.82
N GLU A 29 4.80 9.07 12.33
CA GLU A 29 5.36 9.62 11.10
C GLU A 29 4.33 9.61 9.99
N LEU A 30 3.63 8.49 9.85
CA LEU A 30 2.65 8.37 8.79
C LEU A 30 1.52 9.41 8.95
N ASN A 31 1.13 9.70 10.18
CA ASN A 31 0.10 10.71 10.41
C ASN A 31 0.62 12.11 10.11
N SER A 32 1.85 12.40 10.51
CA SER A 32 2.40 13.71 10.22
C SER A 32 2.43 13.96 8.72
N LEU A 33 2.73 12.93 7.93
CA LEU A 33 2.78 13.11 6.49
C LEU A 33 1.39 13.38 5.92
N LYS A 34 0.39 12.61 6.35
CA LYS A 34 -0.97 12.86 5.90
C LYS A 34 -1.41 14.28 6.27
N ALA A 35 -1.01 14.76 7.45
CA ALA A 35 -1.39 16.10 7.88
C ALA A 35 -0.68 17.17 7.08
N ALA A 36 0.60 16.95 6.78
CA ALA A 36 1.31 17.91 5.93
C ALA A 36 0.76 17.89 4.51
N HIS A 37 0.50 16.71 3.96
CA HIS A 37 -0.10 16.62 2.63
C HIS A 37 -1.41 17.36 2.56
N ALA A 38 -2.26 17.20 3.58
CA ALA A 38 -3.57 17.86 3.57
C ALA A 38 -3.44 19.37 3.63
N ALA A 39 -2.46 19.90 4.38
CA ALA A 39 -2.30 21.35 4.43
C ALA A 39 -1.86 21.90 3.09
N GLU A 40 -0.94 21.21 2.42
CA GLU A 40 -0.52 21.65 1.11
C GLU A 40 -1.65 21.47 0.09
N HIS A 41 -2.57 20.53 0.34
CA HIS A 41 -3.78 20.43 -0.48
C HIS A 41 -4.65 21.69 -0.34
N SER A 42 -5.00 22.07 0.89
CA SER A 42 -5.92 23.20 1.02
C SER A 42 -5.28 24.51 0.59
N THR A 43 -3.99 24.71 0.86
CA THR A 43 -3.33 25.95 0.44
C THR A 43 -3.48 26.23 -1.05
N MET A 44 -3.47 25.17 -1.87
CA MET A 44 -3.52 25.32 -3.32
C MET A 44 -4.93 25.42 -3.88
N GLN A 45 -5.91 24.75 -3.26
CA GLN A 45 -7.28 24.89 -3.75
C GLN A 45 -7.79 26.30 -3.56
N LYS A 46 -7.45 26.92 -2.43
CA LYS A 46 -7.90 28.28 -2.18
C LYS A 46 -7.37 29.20 -3.27
N LEU A 47 -6.08 29.10 -3.57
CA LEU A 47 -5.50 29.94 -4.62
C LEU A 47 -5.99 29.56 -6.01
N HIS A 48 -6.23 28.27 -6.25
CA HIS A 48 -6.78 27.90 -7.55
C HIS A 48 -8.15 28.52 -7.75
N CYS A 49 -9.02 28.40 -6.74
CA CYS A 49 -10.32 29.05 -6.80
C CYS A 49 -10.18 30.57 -6.75
N THR A 50 -9.34 31.09 -5.86
CA THR A 50 -9.23 32.54 -5.73
C THR A 50 -8.94 33.17 -7.08
N GLN A 51 -8.08 32.54 -7.87
CA GLN A 51 -7.71 33.07 -9.17
C GLN A 51 -8.89 33.05 -10.12
N VAL A 52 -9.58 31.92 -10.21
CA VAL A 52 -10.64 31.79 -11.20
C VAL A 52 -11.84 32.67 -10.86
N ASP A 53 -12.21 32.74 -9.57
CA ASP A 53 -13.33 33.60 -9.18
C ASP A 53 -13.03 35.08 -9.33
N LYS A 54 -11.76 35.49 -9.37
CA LYS A 54 -11.41 36.83 -9.81
C LYS A 54 -11.73 37.01 -11.28
N ILE A 55 -11.16 36.15 -12.13
CA ILE A 55 -11.28 36.29 -13.57
C ILE A 55 -12.73 36.20 -14.00
N VAL A 56 -13.52 35.39 -13.31
CA VAL A 56 -14.93 35.31 -13.70
C VAL A 56 -15.67 36.56 -13.24
N ALA A 57 -15.39 37.04 -12.03
CA ALA A 57 -16.12 38.20 -11.54
C ALA A 57 -15.90 39.38 -12.45
N GLN A 58 -14.66 39.56 -12.92
CA GLN A 58 -14.32 40.67 -13.81
C GLN A 58 -14.97 40.55 -15.17
N TYR A 59 -14.99 39.33 -15.75
CA TYR A 59 -15.62 39.12 -17.05
C TYR A 59 -17.11 39.38 -16.99
N ASP A 60 -17.75 38.98 -15.88
CA ASP A 60 -19.17 39.21 -15.69
C ASP A 60 -19.46 40.71 -15.64
N LYS A 61 -18.57 41.44 -14.97
CA LYS A 61 -18.69 42.89 -14.83
C LYS A 61 -18.63 43.59 -16.20
N GLU A 62 -17.69 43.18 -17.04
CA GLU A 62 -17.55 43.77 -18.36
C GLU A 62 -18.75 43.45 -19.25
N LYS A 63 -19.25 42.20 -19.19
CA LYS A 63 -20.43 41.85 -19.99
C LYS A 63 -21.65 42.62 -19.53
N SER A 64 -21.86 42.74 -18.21
CA SER A 64 -23.03 43.47 -17.75
C SER A 64 -22.93 44.92 -18.20
N THR A 65 -21.74 45.52 -18.12
CA THR A 65 -21.60 46.90 -18.53
C THR A 65 -21.94 47.05 -20.01
N HIS A 66 -21.47 46.12 -20.85
CA HIS A 66 -21.82 46.24 -22.27
C HIS A 66 -23.28 45.91 -22.49
N GLU A 67 -23.82 44.92 -21.77
CA GLU A 67 -25.22 44.54 -21.96
C GLU A 67 -26.14 45.71 -21.62
N LYS A 68 -25.86 46.40 -20.53
CA LYS A 68 -26.66 47.56 -20.16
C LYS A 68 -26.57 48.66 -21.22
N ILE A 69 -25.38 48.83 -21.82
CA ILE A 69 -25.16 49.90 -22.79
C ILE A 69 -26.07 49.78 -24.00
N LEU A 70 -26.16 48.59 -24.61
CA LEU A 70 -27.08 48.48 -25.74
C LEU A 70 -28.53 48.44 -25.28
N GLU A 71 -28.81 47.83 -24.12
CA GLU A 71 -30.19 47.69 -23.68
C GLU A 71 -30.84 49.07 -23.50
N LYS A 72 -30.13 50.00 -22.86
CA LYS A 72 -30.68 51.36 -22.71
C LYS A 72 -30.77 52.09 -24.05
N ALA A 73 -29.72 52.00 -24.88
CA ALA A 73 -29.73 52.72 -26.16
C ALA A 73 -30.83 52.21 -27.08
N MET A 74 -31.11 50.90 -27.03
CA MET A 74 -32.18 50.34 -27.85
C MET A 74 -33.52 50.95 -27.47
N LYS A 75 -33.73 51.18 -26.17
CA LYS A 75 -34.95 51.86 -25.74
C LYS A 75 -35.00 53.26 -26.32
N LYS A 76 -33.85 53.96 -26.33
CA LYS A 76 -33.75 55.27 -26.92
C LYS A 76 -33.56 55.17 -28.44
N CYS A 82 -29.07 51.47 -30.85
CA CYS A 82 -29.41 51.16 -32.24
C CYS A 82 -28.39 51.76 -33.19
N LEU A 83 -28.66 51.59 -34.48
CA LEU A 83 -27.79 52.05 -35.57
C LEU A 83 -26.47 51.30 -35.38
N GLU A 84 -25.32 51.96 -35.36
CA GLU A 84 -24.06 51.23 -35.25
C GLU A 84 -23.75 50.71 -33.85
N ILE A 85 -24.25 51.36 -32.79
CA ILE A 85 -23.95 50.88 -31.44
C ILE A 85 -24.35 49.42 -31.27
N LYS A 86 -25.46 49.00 -31.88
CA LYS A 86 -25.81 47.59 -31.89
C LYS A 86 -24.71 46.77 -32.54
N LYS A 87 -24.25 47.19 -33.71
CA LYS A 87 -23.21 46.43 -34.39
C LYS A 87 -21.90 46.47 -33.60
N GLU A 88 -21.51 47.66 -33.13
CA GLU A 88 -20.24 47.80 -32.44
C GLU A 88 -20.21 47.07 -31.09
N THR A 89 -21.28 47.20 -30.29
CA THR A 89 -21.29 46.58 -28.96
C THR A 89 -21.23 45.06 -29.05
N GLU A 90 -21.92 44.46 -30.02
CA GLU A 90 -21.88 43.00 -30.14
C GLU A 90 -20.53 42.51 -30.64
N ILE A 91 -19.76 43.36 -31.34
CA ILE A 91 -18.39 42.97 -31.67
C ILE A 91 -17.58 42.92 -30.39
N LYS A 92 -17.81 43.88 -29.48
CA LYS A 92 -17.09 43.91 -28.22
C LYS A 92 -17.39 42.67 -27.38
N ILE A 93 -18.64 42.19 -27.41
CA ILE A 93 -18.97 40.96 -26.66
C ILE A 93 -18.29 39.75 -27.29
N GLN A 94 -18.36 39.60 -28.60
CA GLN A 94 -17.71 38.43 -29.20
C GLN A 94 -16.22 38.51 -28.93
N THR A 95 -15.64 39.69 -29.09
CA THR A 95 -14.25 39.91 -28.69
C THR A 95 -14.01 39.45 -27.26
N LEU A 96 -14.88 39.88 -26.34
CA LEU A 96 -14.64 39.68 -24.93
C LEU A 96 -14.89 38.25 -24.46
N THR A 97 -15.94 37.58 -24.94
CA THR A 97 -16.12 36.18 -24.51
C THR A 97 -15.09 35.29 -25.18
N THR A 98 -14.79 35.53 -26.47
CA THR A 98 -13.81 34.70 -27.14
C THR A 98 -12.47 34.76 -26.41
N ASP A 99 -12.11 35.94 -25.88
CA ASP A 99 -10.88 36.04 -25.09
C ASP A 99 -11.02 35.34 -23.74
N HIS A 100 -12.16 35.51 -23.07
CA HIS A 100 -12.37 34.86 -21.78
C HIS A 100 -12.30 33.34 -21.92
N LYS A 101 -12.97 32.81 -22.94
CA LYS A 101 -12.92 31.37 -23.19
C LYS A 101 -11.49 30.86 -23.33
N SER A 102 -10.58 31.72 -23.77
CA SER A 102 -9.19 31.30 -23.90
C SER A 102 -8.29 31.74 -22.75
N LYS A 103 -8.71 32.68 -21.91
CA LYS A 103 -7.95 32.90 -20.68
C LYS A 103 -8.11 31.70 -19.74
N VAL A 104 -9.35 31.28 -19.53
CA VAL A 104 -9.61 30.15 -18.63
C VAL A 104 -9.07 28.84 -19.20
N LYS A 105 -9.27 28.59 -20.50
CA LYS A 105 -8.70 27.40 -21.14
C LYS A 105 -7.22 27.29 -20.80
N GLU A 106 -6.50 28.42 -20.79
CA GLU A 106 -5.10 28.41 -20.39
C GLU A 106 -4.96 28.13 -18.89
N ILE A 107 -5.77 28.79 -18.06
CA ILE A 107 -5.69 28.61 -16.60
C ILE A 107 -6.09 27.19 -16.21
N VAL A 108 -7.29 26.76 -16.62
CA VAL A 108 -7.74 25.40 -16.32
C VAL A 108 -6.70 24.38 -16.72
N ALA A 109 -5.97 24.64 -17.81
CA ALA A 109 -4.90 23.72 -18.23
C ALA A 109 -3.72 23.76 -17.27
N GLN A 110 -3.33 24.93 -16.80
CA GLN A 110 -2.22 24.99 -15.87
C GLN A 110 -2.62 24.60 -14.45
N HIS A 111 -3.91 24.68 -14.12
CA HIS A 111 -4.37 24.20 -12.83
C HIS A 111 -4.39 22.68 -12.77
N THR A 112 -4.57 22.01 -13.90
CA THR A 112 -4.33 20.58 -13.93
C THR A 112 -2.87 20.29 -13.68
N LYS A 113 -1.98 21.05 -14.31
CA LYS A 113 -0.55 20.83 -14.14
C LYS A 113 -0.17 20.92 -12.68
N GLU A 114 -0.58 22.00 -12.02
CA GLU A 114 -0.17 22.23 -10.64
C GLU A 114 -0.65 21.11 -9.74
N TRP A 115 -1.89 20.67 -9.94
CA TRP A 115 -2.44 19.60 -9.12
C TRP A 115 -1.72 18.30 -9.38
N SER A 116 -1.62 17.90 -10.66
CA SER A 116 -1.06 16.59 -10.96
C SER A 116 0.39 16.48 -10.52
N GLU A 117 1.19 17.53 -10.74
CA GLU A 117 2.55 17.54 -10.22
C GLU A 117 2.58 17.32 -8.71
N MET A 118 1.63 17.93 -7.98
CA MET A 118 1.58 17.76 -6.53
C MET A 118 1.12 16.37 -6.11
N ILE A 119 -0.01 15.90 -6.64
CA ILE A 119 -0.54 14.60 -6.23
C ILE A 119 0.46 13.49 -6.48
N ASN A 120 1.19 13.56 -7.60
CA ASN A 120 2.17 12.53 -7.88
C ASN A 120 3.42 12.67 -7.01
N THR A 121 3.85 13.92 -6.73
CA THR A 121 4.93 14.12 -5.78
C THR A 121 4.52 13.65 -4.39
N HIS A 122 3.31 14.02 -3.97
CA HIS A 122 2.79 13.51 -2.72
C HIS A 122 2.72 12.00 -2.73
N SER A 123 2.22 11.43 -3.83
CA SER A 123 2.13 9.99 -3.89
C SER A 123 3.49 9.33 -3.87
N ALA A 124 4.50 10.02 -4.39
CA ALA A 124 5.84 9.45 -4.36
C ALA A 124 6.42 9.48 -2.97
N GLU A 125 6.28 10.61 -2.26
CA GLU A 125 6.75 10.72 -0.89
C GLU A 125 6.19 9.59 -0.03
N GLU A 126 4.90 9.30 -0.19
CA GLU A 126 4.24 8.28 0.60
C GLU A 126 4.78 6.90 0.26
N GLN A 127 5.10 6.68 -1.01
CA GLN A 127 5.72 5.41 -1.36
C GLN A 127 7.09 5.28 -0.71
N GLU A 128 7.91 6.35 -0.75
CA GLU A 128 9.25 6.20 -0.20
C GLU A 128 9.24 6.00 1.31
N ILE A 129 8.35 6.67 2.04
CA ILE A 129 8.33 6.42 3.47
C ILE A 129 7.90 4.99 3.75
N ARG A 130 6.97 4.44 2.96
CA ARG A 130 6.57 3.06 3.20
C ARG A 130 7.73 2.11 2.92
N ASP A 131 8.60 2.44 1.96
CA ASP A 131 9.80 1.63 1.72
C ASP A 131 10.83 1.81 2.83
N LEU A 132 11.05 3.04 3.28
CA LEU A 132 12.01 3.27 4.35
C LEU A 132 11.59 2.57 5.65
N HIS A 133 10.29 2.54 5.93
CA HIS A 133 9.83 1.82 7.11
C HIS A 133 10.14 0.34 7.00
N LEU A 134 10.03 -0.22 5.79
CA LEU A 134 10.31 -1.63 5.58
C LEU A 134 11.80 -1.94 5.74
N SER A 135 12.70 -1.07 5.26
CA SER A 135 14.10 -1.30 5.55
C SER A 135 14.39 -1.11 7.05
N GLN A 136 13.68 -0.22 7.72
CA GLN A 136 13.90 -0.07 9.16
C GLN A 136 13.37 -1.24 9.97
N GLN A 137 12.33 -1.94 9.49
CA GLN A 137 11.80 -3.09 10.21
C GLN A 137 12.69 -4.32 10.07
N CYS A 138 13.15 -4.61 8.85
CA CYS A 138 14.04 -5.75 8.66
C CYS A 138 15.32 -5.59 9.48
N GLU A 139 15.96 -4.42 9.40
CA GLU A 139 17.20 -4.16 10.12
C GLU A 139 17.03 -4.29 11.62
N LEU A 140 15.90 -3.85 12.16
CA LEU A 140 15.69 -3.99 13.59
C LEU A 140 15.47 -5.45 13.96
N LEU A 141 14.46 -6.09 13.35
CA LEU A 141 14.20 -7.51 13.60
C LEU A 141 15.49 -8.33 13.54
N ARG A 142 16.29 -8.11 12.49
CA ARG A 142 17.50 -8.90 12.33
C ARG A 142 18.51 -8.64 13.44
N LYS A 143 18.79 -7.36 13.74
CA LYS A 143 19.75 -7.05 14.81
C LYS A 143 19.29 -7.64 16.14
N LEU A 144 17.99 -7.59 16.43
CA LEU A 144 17.48 -8.26 17.62
C LEU A 144 17.77 -9.75 17.58
N LEU A 145 17.53 -10.38 16.43
CA LEU A 145 17.76 -11.82 16.33
C LEU A 145 19.24 -12.14 16.50
N ILE A 146 20.12 -11.38 15.87
CA ILE A 146 21.54 -11.63 16.07
C ILE A 146 21.93 -11.48 17.54
N ASN A 147 21.42 -10.44 18.20
CA ASN A 147 21.71 -10.29 19.62
C ASN A 147 21.21 -11.51 20.41
N ALA A 148 20.01 -12.01 20.07
CA ALA A 148 19.55 -13.25 20.71
C ALA A 148 20.45 -14.43 20.37
N HIS A 149 20.88 -14.53 19.11
CA HIS A 149 21.80 -15.58 18.69
C HIS A 149 23.12 -15.52 19.45
N GLU A 150 23.61 -14.32 19.77
CA GLU A 150 24.86 -14.20 20.51
C GLU A 150 24.73 -14.62 21.97
N GLN A 151 23.62 -14.29 22.63
CA GLN A 151 23.41 -14.72 24.00
C GLN A 151 22.91 -16.16 24.10
N GLN A 152 22.61 -16.77 22.97
CA GLN A 152 22.25 -18.18 22.87
C GLN A 152 23.49 -19.02 22.72
N THR A 153 24.42 -18.51 21.92
CA THR A 153 25.67 -19.21 21.66
C THR A 153 26.56 -19.21 22.88
N GLN A 154 26.74 -18.07 23.52
CA GLN A 154 27.71 -18.08 24.60
C GLN A 154 27.13 -18.55 25.91
N GLN A 155 25.80 -18.67 26.01
CA GLN A 155 25.27 -19.47 27.09
C GLN A 155 25.62 -20.94 26.89
N LEU A 156 25.63 -21.41 25.63
CA LEU A 156 26.03 -22.79 25.38
C LEU A 156 27.52 -23.01 25.63
N LYS A 157 28.36 -22.06 25.19
CA LYS A 157 29.77 -22.04 25.57
C LYS A 157 29.94 -22.23 27.07
N LEU A 158 29.04 -21.61 27.85
CA LEU A 158 29.05 -21.75 29.30
C LEU A 158 28.85 -23.20 29.73
N SER A 159 27.80 -23.86 29.21
CA SER A 159 27.53 -25.24 29.59
C SER A 159 28.68 -26.15 29.24
N HIS A 160 29.28 -25.91 28.07
CA HIS A 160 30.40 -26.73 27.63
C HIS A 160 31.58 -26.65 28.59
N ASP A 161 31.86 -25.45 29.13
CA ASP A 161 32.93 -25.34 30.13
C ASP A 161 32.57 -26.10 31.41
N ARG A 162 31.33 -25.96 31.89
CA ARG A 162 30.93 -26.70 33.09
C ARG A 162 30.83 -28.20 32.78
N GLU A 163 30.41 -28.56 31.57
CA GLU A 163 30.35 -29.97 31.22
C GLU A 163 31.73 -30.61 31.37
N SER A 164 32.78 -29.92 30.94
CA SER A 164 34.13 -30.43 31.14
C SER A 164 34.47 -30.45 32.62
N LYS A 165 34.02 -29.45 33.37
CA LYS A 165 34.35 -29.40 34.79
C LYS A 165 33.81 -30.62 35.51
N GLU A 166 32.56 -30.98 35.23
CA GLU A 166 31.96 -32.13 35.89
C GLU A 166 32.70 -33.41 35.55
N MET A 167 33.08 -33.56 34.29
CA MET A 167 33.80 -34.76 33.85
C MET A 167 35.15 -34.89 34.54
N ARG A 168 35.93 -33.81 34.62
CA ARG A 168 37.23 -33.92 35.27
C ARG A 168 37.04 -34.35 36.73
N ALA A 169 36.12 -33.70 37.45
CA ALA A 169 35.82 -34.06 38.83
C ALA A 169 35.14 -35.42 38.92
N HIS A 170 34.33 -35.80 37.93
CA HIS A 170 33.81 -37.17 37.92
C HIS A 170 34.91 -38.19 37.68
N GLN A 171 35.84 -37.90 36.76
CA GLN A 171 36.95 -38.82 36.51
C GLN A 171 37.89 -38.94 37.71
N ALA A 172 38.11 -37.83 38.43
CA ALA A 172 38.90 -37.91 39.66
C ALA A 172 38.24 -38.84 40.67
N LYS A 173 36.90 -38.81 40.75
CA LYS A 173 36.21 -39.66 41.70
C LYS A 173 36.44 -41.13 41.40
N ILE A 174 36.25 -41.55 40.15
CA ILE A 174 36.46 -42.95 39.81
C ILE A 174 37.89 -43.39 40.09
N SER A 175 38.87 -42.60 39.65
CA SER A 175 40.27 -43.00 39.80
C SER A 175 40.61 -43.18 41.28
N MET A 176 40.27 -42.19 42.11
CA MET A 176 40.47 -42.34 43.54
C MET A 176 39.61 -43.48 44.09
N GLU A 177 38.44 -43.68 43.52
CA GLU A 177 37.55 -44.77 43.95
C GLU A 177 38.14 -46.12 43.60
N ASN A 178 38.72 -46.27 42.42
CA ASN A 178 39.28 -47.54 42.00
C ASN A 178 40.64 -47.82 42.64
N SER A 179 41.19 -46.89 43.42
CA SER A 179 42.41 -47.15 44.16
C SER A 179 42.21 -47.59 45.62
N LYS A 180 41.09 -47.26 46.27
CA LYS A 180 40.90 -47.83 47.59
C LYS A 180 40.49 -49.29 47.53
N ALA A 181 39.57 -49.63 46.62
CA ALA A 181 39.11 -51.02 46.52
C ALA A 181 40.19 -51.96 46.01
N ILE A 182 41.20 -51.44 45.33
CA ILE A 182 42.29 -52.32 44.93
C ILE A 182 43.22 -52.62 46.11
N SER A 183 43.37 -51.68 47.06
CA SER A 183 44.17 -51.95 48.26
C SER A 183 43.51 -53.03 49.12
N GLN A 184 42.19 -52.94 49.27
CA GLN A 184 41.41 -53.87 50.08
C GLN A 184 41.26 -55.25 49.44
N ASP A 185 41.67 -55.44 48.19
CA ASP A 185 41.59 -56.77 47.58
C ASP A 185 42.51 -57.73 48.34
N LYS A 186 41.89 -58.73 48.97
CA LYS A 186 42.65 -59.69 49.75
C LYS A 186 43.31 -60.74 48.88
N SER A 187 42.72 -61.04 47.72
CA SER A 187 43.23 -62.12 46.87
C SER A 187 44.63 -61.88 46.35
N ILE A 188 45.12 -60.64 46.38
CA ILE A 188 46.44 -60.37 45.81
C ILE A 188 47.55 -61.10 46.58
N LYS A 189 47.69 -60.82 47.88
CA LYS A 189 48.65 -61.49 48.76
C LYS A 189 50.08 -61.51 48.20
N ASN A 190 50.46 -60.48 47.42
CA ASN A 190 51.78 -60.41 46.81
C ASN A 190 52.04 -59.02 46.28
N LYS A 191 53.21 -58.47 46.58
CA LYS A 191 53.50 -57.10 46.15
C LYS A 191 53.82 -57.03 44.66
N ALA A 192 54.58 -57.99 44.12
CA ALA A 192 55.00 -57.89 42.71
C ALA A 192 53.81 -57.85 41.76
N GLU A 193 52.77 -58.65 42.01
CA GLU A 193 51.58 -58.50 41.17
C GLU A 193 50.84 -57.21 41.51
N ARG A 194 50.82 -56.82 42.80
CA ARG A 194 50.13 -55.60 43.19
C ARG A 194 50.78 -54.38 42.54
N GLU A 195 52.11 -54.38 42.43
CA GLU A 195 52.78 -53.27 41.77
C GLU A 195 52.25 -53.18 40.35
N ARG A 196 52.17 -54.34 39.68
CA ARG A 196 51.70 -54.47 38.30
C ARG A 196 50.24 -54.10 38.14
N ARG A 197 49.37 -54.52 39.08
CA ARG A 197 47.95 -54.23 38.92
C ARG A 197 47.71 -52.74 38.97
N VAL A 198 48.42 -52.04 39.86
CA VAL A 198 48.29 -50.59 39.96
C VAL A 198 48.75 -49.94 38.67
N ARG A 199 49.85 -50.42 38.09
CA ARG A 199 50.28 -49.88 36.81
C ARG A 199 49.22 -50.18 35.76
N GLU A 200 48.66 -51.39 35.82
CA GLU A 200 47.64 -51.79 34.86
C GLU A 200 46.38 -50.94 35.01
N LEU A 201 45.97 -50.67 36.26
CA LEU A 201 44.78 -49.85 36.49
C LEU A 201 45.00 -48.41 36.05
N ASN A 202 46.16 -47.84 36.36
CA ASN A 202 46.41 -46.45 36.04
C ASN A 202 46.37 -46.25 34.54
N SER A 203 47.00 -47.15 33.79
CA SER A 203 47.05 -47.02 32.34
C SER A 203 45.68 -47.18 31.71
N SER A 204 44.87 -48.12 32.19
CA SER A 204 43.56 -48.31 31.61
C SER A 204 42.65 -47.12 31.85
N ASN A 205 42.62 -46.62 33.08
CA ASN A 205 41.80 -45.44 33.38
C ASN A 205 42.28 -44.23 32.58
N THR A 206 43.60 -44.07 32.45
CA THR A 206 44.13 -42.93 31.71
C THR A 206 43.68 -42.98 30.27
N LYS A 207 43.69 -44.18 29.66
CA LYS A 207 43.23 -44.33 28.30
C LYS A 207 41.73 -44.03 28.19
N LYS A 208 40.93 -44.51 29.16
CA LYS A 208 39.48 -44.35 29.13
C LYS A 208 39.08 -42.89 29.25
N PHE A 209 39.71 -42.17 30.17
CA PHE A 209 39.40 -40.78 30.37
C PHE A 209 39.75 -39.95 29.14
N LEU A 210 40.91 -40.24 28.53
CA LEU A 210 41.28 -39.50 27.33
C LEU A 210 40.31 -39.79 26.19
N GLU A 211 39.82 -41.02 26.08
CA GLU A 211 38.83 -41.31 25.04
C GLU A 211 37.47 -40.67 25.34
N GLU A 212 37.03 -40.67 26.60
CA GLU A 212 35.77 -39.99 26.92
C GLU A 212 35.92 -38.48 26.77
N ARG A 213 37.12 -37.96 27.05
CA ARG A 213 37.43 -36.54 26.82
C ARG A 213 37.37 -36.22 25.34
N LYS A 214 37.91 -37.10 24.50
CA LYS A 214 37.84 -36.91 23.06
C LYS A 214 36.41 -37.00 22.55
N ARG A 215 35.63 -37.94 23.09
CA ARG A 215 34.25 -38.04 22.67
C ARG A 215 33.41 -36.85 23.12
N LEU A 216 33.74 -36.24 24.27
CA LEU A 216 33.02 -35.05 24.68
C LEU A 216 33.33 -33.87 23.78
N ALA A 217 34.60 -33.66 23.45
CA ALA A 217 34.94 -32.59 22.53
C ALA A 217 34.20 -32.75 21.22
N MET A 218 34.16 -33.98 20.69
CA MET A 218 33.42 -34.22 19.45
C MET A 218 31.94 -33.97 19.62
N LYS A 219 31.36 -34.50 20.71
CA LYS A 219 29.93 -34.29 20.98
C LYS A 219 29.62 -32.81 21.11
N GLN A 220 30.49 -32.07 21.81
CA GLN A 220 30.23 -30.66 22.07
C GLN A 220 30.16 -29.83 20.79
N SER A 221 31.12 -30.00 19.86
CA SER A 221 31.03 -29.28 18.60
C SER A 221 29.80 -29.70 17.80
N LYS A 222 29.51 -31.01 17.75
CA LYS A 222 28.31 -31.45 17.05
C LYS A 222 27.09 -30.65 17.52
N GLU A 223 26.87 -30.55 18.83
CA GLU A 223 25.71 -29.81 19.33
C GLU A 223 25.82 -28.32 19.03
N MET A 224 27.03 -27.75 18.98
CA MET A 224 27.12 -26.36 18.53
C MET A 224 26.90 -26.24 17.04
N ASP A 225 27.23 -27.27 16.29
CA ASP A 225 26.93 -27.22 14.87
C ASP A 225 25.42 -27.19 14.69
N GLN A 226 24.71 -27.92 15.53
CA GLN A 226 23.25 -27.87 15.48
C GLN A 226 22.73 -26.49 15.85
N LEU A 227 23.41 -25.78 16.75
CA LEU A 227 22.97 -24.41 17.05
C LEU A 227 23.13 -23.53 15.82
N LYS A 228 24.22 -23.72 15.08
CA LYS A 228 24.43 -22.95 13.86
C LYS A 228 23.35 -23.26 12.85
N LYS A 229 22.95 -24.54 12.78
CA LYS A 229 21.90 -24.93 11.84
C LYS A 229 20.58 -24.23 12.17
N VAL A 230 20.20 -24.19 13.46
CA VAL A 230 18.95 -23.52 13.83
C VAL A 230 19.06 -22.02 13.58
N GLN A 231 20.18 -21.42 13.96
CA GLN A 231 20.34 -19.98 13.79
C GLN A 231 20.34 -19.56 12.33
N LEU A 232 21.01 -20.33 11.47
CA LEU A 232 21.09 -19.94 10.06
C LEU A 232 19.70 -19.83 9.44
N GLU A 233 18.89 -20.86 9.58
CA GLU A 233 17.62 -20.81 8.89
C GLU A 233 16.55 -19.99 9.60
N HIS A 234 16.80 -19.50 10.82
CA HIS A 234 15.95 -18.43 11.32
C HIS A 234 16.25 -17.14 10.55
N LEU A 235 17.55 -16.81 10.40
CA LEU A 235 17.92 -15.65 9.60
C LEU A 235 17.52 -15.78 8.14
N GLU A 236 17.52 -17.00 7.60
CA GLU A 236 17.06 -17.20 6.23
C GLU A 236 15.56 -16.92 6.14
N PHE A 237 14.79 -17.34 7.15
CA PHE A 237 13.35 -17.08 7.13
C PHE A 237 13.02 -15.60 7.23
N LEU A 238 13.83 -14.85 7.97
CA LEU A 238 13.62 -13.42 8.06
C LEU A 238 14.00 -12.74 6.75
N GLU A 239 15.04 -13.23 6.09
CA GLU A 239 15.44 -12.65 4.81
C GLU A 239 14.40 -12.94 3.73
N LYS A 240 13.77 -14.12 3.76
CA LYS A 240 12.69 -14.39 2.82
C LYS A 240 11.47 -13.53 3.13
N GLN A 241 11.26 -13.24 4.41
CA GLN A 241 10.14 -12.39 4.79
C GLN A 241 10.32 -10.98 4.23
N ASN A 242 11.53 -10.44 4.36
CA ASN A 242 11.82 -9.13 3.80
C ASN A 242 11.80 -9.15 2.28
N GLU A 243 12.15 -10.27 1.66
CA GLU A 243 12.10 -10.34 0.21
C GLU A 243 10.66 -10.29 -0.28
N GLN A 244 9.78 -11.04 0.36
CA GLN A 244 8.36 -11.04 -0.03
C GLN A 244 7.72 -9.67 0.19
N ALA A 245 8.12 -8.97 1.23
CA ALA A 245 7.57 -7.64 1.45
C ALA A 245 8.05 -6.65 0.39
N LYS A 246 9.33 -6.72 0.02
CA LYS A 246 9.81 -5.89 -1.09
C LYS A 246 9.10 -6.22 -2.40
N GLU A 247 8.82 -7.51 -2.63
CA GLU A 247 8.28 -7.91 -3.92
C GLU A 247 6.87 -7.37 -4.11
N MET A 248 6.05 -7.40 -3.05
CA MET A 248 4.70 -6.85 -3.14
C MET A 248 4.69 -5.33 -3.13
N GLN A 249 5.64 -4.68 -2.44
CA GLN A 249 5.70 -3.23 -2.53
C GLN A 249 6.09 -2.80 -3.93
N GLN A 250 6.82 -3.64 -4.66
CA GLN A 250 7.08 -3.30 -6.06
C GLN A 250 5.80 -3.39 -6.88
N MET A 251 4.94 -4.36 -6.58
CA MET A 251 3.68 -4.43 -7.31
C MET A 251 2.69 -3.33 -6.94
N VAL A 252 2.92 -2.55 -5.90
CA VAL A 252 2.07 -1.36 -5.79
C VAL A 252 2.69 -0.17 -6.52
N LYS A 253 4.02 -0.10 -6.64
CA LYS A 253 4.62 0.85 -7.57
C LYS A 253 4.21 0.53 -9.00
N LEU A 254 3.99 -0.74 -9.31
CA LEU A 254 3.63 -1.11 -10.67
C LEU A 254 2.19 -0.70 -10.96
N GLU A 255 1.27 -1.03 -10.07
CA GLU A 255 -0.13 -0.65 -10.28
C GLU A 255 -0.33 0.84 -10.21
N ALA A 256 0.53 1.55 -9.49
CA ALA A 256 0.38 2.99 -9.40
C ALA A 256 0.73 3.68 -10.71
N GLU A 257 1.71 3.14 -11.44
CA GLU A 257 2.12 3.78 -12.69
C GLU A 257 1.02 3.68 -13.74
N MET A 258 0.29 2.57 -13.78
CA MET A 258 -0.86 2.47 -14.66
C MET A 258 -1.98 3.42 -14.27
N ASP A 259 -2.25 3.55 -12.97
CA ASP A 259 -3.34 4.39 -12.50
C ASP A 259 -3.08 5.88 -12.71
N ARG A 260 -1.83 6.29 -12.91
CA ARG A 260 -1.46 7.71 -12.99
C ARG A 260 -2.04 8.38 -14.23
N ARG A 261 -2.69 9.54 -14.04
CA ARG A 261 -3.25 10.34 -15.11
C ARG A 261 -3.42 11.78 -14.60
N PRO A 262 -3.81 12.72 -15.48
CA PRO A 262 -4.07 14.09 -15.03
C PRO A 262 -5.37 14.22 -14.25
N ALA A 263 -5.44 15.24 -13.39
CA ALA A 263 -6.65 15.47 -12.62
C ALA A 263 -6.79 16.93 -12.24
N THR A 264 -8.04 17.37 -12.10
CA THR A 264 -8.39 18.76 -11.80
C THR A 264 -9.34 18.78 -10.62
N VAL A 265 -8.90 19.36 -9.51
CA VAL A 265 -9.80 19.57 -8.39
C VAL A 265 -10.70 20.74 -8.70
N VAL A 266 -11.99 20.58 -8.41
CA VAL A 266 -12.99 21.56 -8.72
C VAL A 266 -13.78 21.96 -7.45
N ALA B 6 -7.05 -24.22 -16.20
CA ALA B 6 -7.76 -23.67 -17.35
C ALA B 6 -9.04 -24.44 -17.58
N THR B 7 -10.18 -23.91 -17.14
CA THR B 7 -11.42 -24.67 -17.26
C THR B 7 -12.53 -24.00 -18.07
N CYS B 8 -12.88 -22.73 -17.84
CA CYS B 8 -14.06 -22.20 -18.51
C CYS B 8 -13.92 -20.78 -19.04
N PRO B 9 -14.73 -20.42 -20.04
CA PRO B 9 -14.80 -19.04 -20.54
C PRO B 9 -15.82 -18.26 -19.73
N ILE B 10 -15.86 -16.96 -19.97
CA ILE B 10 -16.73 -16.07 -19.19
C ILE B 10 -18.16 -16.06 -19.75
N VAL B 11 -19.12 -16.31 -18.86
CA VAL B 11 -20.55 -16.34 -19.17
C VAL B 11 -21.35 -15.63 -18.08
N PRO B 12 -22.34 -14.83 -18.43
CA PRO B 12 -23.10 -14.07 -17.41
C PRO B 12 -24.12 -14.90 -16.67
N GLY B 13 -24.47 -14.39 -15.48
CA GLY B 13 -25.54 -14.95 -14.67
C GLY B 13 -25.10 -15.88 -13.56
N GLN B 14 -23.90 -16.44 -13.66
CA GLN B 14 -23.42 -17.39 -12.66
C GLN B 14 -22.21 -16.84 -11.93
N GLU B 15 -22.00 -17.34 -10.71
CA GLU B 15 -20.81 -16.98 -9.94
C GLU B 15 -19.67 -17.77 -10.56
N MET B 16 -18.98 -17.15 -11.51
CA MET B 16 -17.94 -17.87 -12.20
C MET B 16 -16.66 -17.90 -11.39
N ILE B 17 -15.80 -18.86 -11.70
CA ILE B 17 -14.51 -19.01 -11.04
C ILE B 17 -13.45 -19.09 -12.13
N ILE B 18 -12.64 -18.03 -12.27
CA ILE B 18 -11.57 -17.98 -13.26
C ILE B 18 -10.23 -17.70 -12.57
N GLU B 19 -9.15 -18.01 -13.30
CA GLU B 19 -7.79 -17.78 -12.85
C GLU B 19 -7.03 -17.01 -13.93
N ILE B 20 -6.33 -15.94 -13.55
CA ILE B 20 -5.51 -15.12 -14.46
C ILE B 20 -4.05 -15.31 -14.07
N SER B 21 -3.18 -15.29 -15.07
CA SER B 21 -1.75 -15.34 -14.81
C SER B 21 -1.21 -13.92 -14.83
N LYS B 22 -0.95 -13.37 -13.63
CA LYS B 22 -0.46 -12.00 -13.57
C LYS B 22 0.91 -11.93 -14.23
N GLY B 23 1.76 -12.91 -13.91
CA GLY B 23 3.12 -12.96 -14.41
C GLY B 23 3.92 -11.76 -13.96
N ARG B 24 4.71 -11.21 -14.89
CA ARG B 24 5.59 -10.10 -14.55
C ARG B 24 4.93 -8.75 -14.73
N SER B 25 3.80 -8.69 -15.42
CA SER B 25 3.05 -7.47 -15.66
C SER B 25 2.06 -7.26 -14.50
N GLY B 26 1.51 -6.05 -14.41
CA GLY B 26 0.55 -5.82 -13.37
C GLY B 26 -0.82 -6.37 -13.73
N LEU B 27 -1.64 -6.63 -12.71
CA LEU B 27 -3.00 -7.11 -12.95
C LEU B 27 -3.84 -6.05 -13.67
N GLY B 28 -3.63 -4.77 -13.34
CA GLY B 28 -4.26 -3.64 -14.01
C GLY B 28 -5.76 -3.45 -13.90
N LEU B 29 -6.37 -3.79 -12.77
CA LEU B 29 -7.78 -3.53 -12.53
C LEU B 29 -7.98 -2.19 -11.83
N SER B 30 -9.17 -1.62 -11.99
CA SER B 30 -9.60 -0.46 -11.23
C SER B 30 -10.95 -0.74 -10.56
N ILE B 31 -11.03 -0.49 -9.26
CA ILE B 31 -12.15 -0.92 -8.43
C ILE B 31 -13.02 0.27 -8.00
N VAL B 32 -14.31 0.01 -7.78
CA VAL B 32 -15.17 0.95 -7.06
C VAL B 32 -15.94 0.14 -6.03
N GLY B 33 -16.39 0.84 -4.97
CA GLY B 33 -17.25 0.25 -3.95
C GLY B 33 -16.50 -0.34 -2.77
N GLY B 34 -17.26 -1.02 -1.91
CA GLY B 34 -16.76 -1.56 -0.67
C GLY B 34 -17.74 -1.43 0.48
N LYS B 35 -17.41 -1.98 1.65
CA LYS B 35 -18.27 -1.82 2.82
C LYS B 35 -18.31 -0.38 3.32
N ASP B 36 -17.21 0.35 3.20
CA ASP B 36 -17.22 1.77 3.57
C ASP B 36 -18.13 2.62 2.66
N THR B 37 -18.35 2.20 1.46
CA THR B 37 -19.19 2.96 0.56
C THR B 37 -20.63 2.50 0.63
N PRO B 38 -21.55 3.31 0.10
CA PRO B 38 -22.95 2.87 -0.01
C PRO B 38 -23.16 1.82 -1.10
N LEU B 39 -22.21 1.63 -2.03
CA LEU B 39 -22.42 0.66 -3.10
C LEU B 39 -22.54 -0.75 -2.57
N ASN B 40 -21.68 -1.16 -1.65
CA ASN B 40 -21.73 -2.49 -1.04
C ASN B 40 -21.41 -3.60 -2.06
N ALA B 41 -20.52 -3.31 -3.01
CA ALA B 41 -20.01 -4.33 -3.91
C ALA B 41 -18.66 -3.86 -4.44
N ILE B 42 -17.79 -4.80 -4.75
CA ILE B 42 -16.52 -4.48 -5.39
C ILE B 42 -16.73 -4.71 -6.89
N VAL B 43 -16.63 -3.65 -7.69
CA VAL B 43 -17.00 -3.70 -9.11
C VAL B 43 -15.85 -3.16 -9.95
N ILE B 44 -15.51 -3.90 -11.02
CA ILE B 44 -14.45 -3.44 -11.91
C ILE B 44 -15.00 -2.29 -12.72
N HIS B 45 -14.20 -1.25 -12.87
CA HIS B 45 -14.65 0.00 -13.46
C HIS B 45 -13.92 0.32 -14.75
N GLU B 46 -12.62 0.11 -14.80
CA GLU B 46 -11.97 0.04 -16.10
C GLU B 46 -10.82 -0.96 -15.99
N VAL B 47 -10.56 -1.66 -17.10
CA VAL B 47 -9.45 -2.60 -17.19
C VAL B 47 -8.30 -1.89 -17.89
N TYR B 48 -7.20 -1.68 -17.18
CA TYR B 48 -6.05 -1.01 -17.76
C TYR B 48 -5.40 -1.90 -18.81
N GLU B 49 -5.23 -1.33 -20.02
CA GLU B 49 -4.83 -2.15 -21.16
C GLU B 49 -3.45 -2.75 -20.96
N GLU B 50 -2.57 -2.09 -20.22
CA GLU B 50 -1.24 -2.65 -19.99
C GLU B 50 -1.26 -3.92 -19.14
N GLY B 51 -2.32 -4.14 -18.35
CA GLY B 51 -2.28 -5.18 -17.35
C GLY B 51 -2.45 -6.61 -17.87
N ALA B 52 -2.52 -7.54 -16.92
CA ALA B 52 -2.61 -8.95 -17.24
C ALA B 52 -4.04 -9.35 -17.58
N ALA B 53 -5.02 -8.88 -16.81
CA ALA B 53 -6.42 -9.17 -17.16
C ALA B 53 -6.76 -8.65 -18.54
N ALA B 54 -6.09 -7.58 -18.97
CA ALA B 54 -6.23 -7.11 -20.34
C ALA B 54 -5.66 -8.12 -21.31
N ARG B 55 -4.49 -8.69 -20.99
CA ARG B 55 -3.97 -9.81 -21.77
C ARG B 55 -4.96 -10.95 -21.79
N ASP B 56 -5.45 -11.35 -20.61
CA ASP B 56 -6.40 -12.45 -20.49
C ASP B 56 -7.61 -12.26 -21.37
N GLY B 57 -8.18 -11.05 -21.41
CA GLY B 57 -9.24 -10.72 -22.34
C GLY B 57 -10.65 -10.96 -21.85
N ARG B 58 -10.85 -11.75 -20.78
CA ARG B 58 -12.21 -12.13 -20.40
C ARG B 58 -12.93 -11.14 -19.50
N LEU B 59 -12.22 -10.37 -18.68
CA LEU B 59 -12.87 -9.40 -17.79
C LEU B 59 -13.27 -8.13 -18.52
N TRP B 60 -14.56 -7.85 -18.57
CA TRP B 60 -15.03 -6.58 -19.12
C TRP B 60 -15.15 -5.56 -17.99
N ALA B 61 -15.53 -4.34 -18.34
CA ALA B 61 -15.47 -3.20 -17.43
C ALA B 61 -16.60 -3.11 -16.42
N GLY B 62 -17.52 -4.07 -16.32
CA GLY B 62 -18.55 -3.98 -15.29
C GLY B 62 -18.64 -5.15 -14.33
N ASP B 63 -17.62 -6.00 -14.36
CA ASP B 63 -17.66 -7.28 -13.65
C ASP B 63 -17.53 -7.14 -12.13
N GLN B 64 -18.42 -7.80 -11.41
CA GLN B 64 -18.43 -7.78 -9.94
C GLN B 64 -17.51 -8.86 -9.38
N ILE B 65 -16.45 -8.43 -8.70
CA ILE B 65 -15.54 -9.33 -8.00
C ILE B 65 -16.15 -9.73 -6.66
N LEU B 66 -16.12 -11.02 -6.34
CA LEU B 66 -16.63 -11.50 -5.06
C LEU B 66 -15.62 -12.14 -4.11
N GLU B 67 -14.50 -12.67 -4.60
CA GLU B 67 -13.43 -13.15 -3.72
C GLU B 67 -12.11 -13.27 -4.49
N VAL B 68 -11.01 -12.99 -3.80
CA VAL B 68 -9.66 -13.15 -4.34
C VAL B 68 -8.89 -14.08 -3.40
N ASN B 69 -8.36 -15.17 -3.95
CA ASN B 69 -7.69 -16.22 -3.16
C ASN B 69 -8.58 -16.69 -2.01
N GLY B 70 -9.86 -16.93 -2.32
CA GLY B 70 -10.80 -17.40 -1.31
C GLY B 70 -11.00 -16.45 -0.15
N VAL B 71 -10.86 -15.15 -0.39
CA VAL B 71 -11.08 -14.11 0.62
C VAL B 71 -12.38 -13.42 0.25
N ASP B 72 -13.40 -13.64 1.07
CA ASP B 72 -14.71 -13.08 0.78
C ASP B 72 -14.68 -11.58 1.03
N LEU B 73 -15.13 -10.81 0.03
CA LEU B 73 -15.05 -9.36 0.06
C LEU B 73 -16.35 -8.72 0.50
N ARG B 74 -17.28 -9.49 1.06
CA ARG B 74 -18.58 -8.96 1.45
C ARG B 74 -18.48 -7.93 2.57
N ASN B 75 -17.43 -7.99 3.37
CA ASN B 75 -17.15 -6.99 4.39
C ASN B 75 -15.93 -6.12 4.09
N SER B 76 -15.26 -6.33 2.96
CA SER B 76 -14.02 -5.63 2.73
C SER B 76 -14.29 -4.19 2.31
N SER B 77 -13.59 -3.25 2.96
CA SER B 77 -13.63 -1.87 2.53
C SER B 77 -12.84 -1.69 1.24
N HIS B 78 -13.03 -0.52 0.63
CA HIS B 78 -12.35 -0.24 -0.63
C HIS B 78 -10.85 -0.44 -0.49
N GLU B 79 -10.23 0.21 0.50
CA GLU B 79 -8.79 0.02 0.69
C GLU B 79 -8.46 -1.44 0.93
N GLU B 80 -9.30 -2.14 1.70
CA GLU B 80 -9.06 -3.57 1.94
C GLU B 80 -9.08 -4.34 0.64
N ALA B 81 -9.99 -3.99 -0.27
CA ALA B 81 -10.09 -4.70 -1.54
C ALA B 81 -8.91 -4.44 -2.47
N ILE B 82 -8.29 -3.26 -2.44
CA ILE B 82 -7.12 -3.04 -3.31
C ILE B 82 -5.92 -3.81 -2.83
N THR B 83 -5.70 -3.89 -1.51
CA THR B 83 -4.62 -4.74 -1.03
C THR B 83 -4.89 -6.18 -1.37
N ALA B 84 -6.16 -6.60 -1.30
CA ALA B 84 -6.49 -7.97 -1.71
C ALA B 84 -6.05 -8.24 -3.15
N LEU B 85 -6.11 -7.22 -4.01
CA LEU B 85 -5.58 -7.38 -5.36
C LEU B 85 -4.06 -7.45 -5.37
N ARG B 86 -3.39 -6.67 -4.52
CA ARG B 86 -1.92 -6.69 -4.51
C ARG B 86 -1.34 -8.00 -3.97
N GLN B 87 -1.95 -8.57 -2.92
CA GLN B 87 -1.45 -9.80 -2.31
C GLN B 87 -1.57 -11.05 -3.18
N THR B 88 -2.03 -10.93 -4.43
CA THR B 88 -2.08 -12.10 -5.31
C THR B 88 -0.66 -12.54 -5.69
N PRO B 89 -0.41 -13.85 -5.77
CA PRO B 89 0.87 -14.32 -6.32
C PRO B 89 1.01 -14.03 -7.81
N GLN B 90 1.99 -14.62 -8.47
CA GLN B 90 2.08 -14.49 -9.93
C GLN B 90 0.86 -15.10 -10.61
N LYS B 91 0.36 -16.23 -10.10
CA LYS B 91 -0.97 -16.67 -10.51
C LYS B 91 -2.01 -15.98 -9.65
N VAL B 92 -3.22 -15.86 -10.20
CA VAL B 92 -4.33 -15.16 -9.57
C VAL B 92 -5.56 -16.05 -9.57
N ARG B 93 -6.29 -16.05 -8.46
CA ARG B 93 -7.53 -16.80 -8.34
C ARG B 93 -8.68 -15.83 -8.07
N LEU B 94 -9.70 -15.87 -8.91
CA LEU B 94 -10.81 -14.95 -8.79
C LEU B 94 -12.13 -15.67 -8.98
N VAL B 95 -13.19 -15.05 -8.44
CA VAL B 95 -14.57 -15.44 -8.66
C VAL B 95 -15.34 -14.17 -8.99
N VAL B 96 -16.01 -14.15 -10.14
CA VAL B 96 -16.67 -12.94 -10.63
C VAL B 96 -18.12 -13.25 -11.03
N TYR B 97 -18.92 -12.18 -11.19
CA TYR B 97 -20.32 -12.23 -11.61
C TYR B 97 -20.57 -11.18 -12.70
N ARG B 98 -21.53 -11.47 -13.59
CA ARG B 98 -21.88 -10.52 -14.65
C ARG B 98 -23.33 -10.00 -14.65
N LEU B 109 -26.45 1.72 -15.57
CA LEU B 109 -26.09 2.54 -14.40
C LEU B 109 -27.27 2.89 -13.52
N GLU B 110 -26.96 3.05 -12.23
CA GLU B 110 -27.84 3.75 -11.31
C GLU B 110 -27.62 5.25 -11.49
N ILE B 111 -28.70 5.97 -11.79
CA ILE B 111 -28.65 7.40 -12.05
C ILE B 111 -29.46 8.10 -10.98
N PHE B 112 -28.87 9.10 -10.33
CA PHE B 112 -29.57 9.85 -9.30
C PHE B 112 -28.93 11.22 -9.19
N PRO B 113 -29.66 12.20 -8.70
CA PRO B 113 -29.15 13.57 -8.70
C PRO B 113 -28.53 13.97 -7.36
N VAL B 114 -27.49 14.79 -7.40
CA VAL B 114 -26.84 15.32 -6.20
C VAL B 114 -26.55 16.79 -6.43
N ASP B 115 -27.04 17.62 -5.52
CA ASP B 115 -26.84 19.06 -5.59
C ASP B 115 -25.91 19.48 -4.45
N LEU B 116 -24.98 20.37 -4.76
CA LEU B 116 -23.89 20.74 -3.85
C LEU B 116 -23.71 22.24 -3.86
N GLN B 117 -23.35 22.80 -2.69
CA GLN B 117 -23.05 24.22 -2.53
C GLN B 117 -21.56 24.40 -2.25
N LYS B 118 -20.91 25.30 -2.99
CA LYS B 118 -19.45 25.44 -2.95
C LYS B 118 -18.99 26.12 -1.66
N LYS B 119 -17.95 25.55 -1.03
CA LYS B 119 -17.41 26.02 0.23
C LYS B 119 -16.49 27.23 0.08
N ALA B 120 -16.14 27.83 1.22
CA ALA B 120 -15.39 29.09 1.31
C ALA B 120 -13.92 28.83 1.00
N GLY B 121 -13.52 29.06 -0.25
CA GLY B 121 -12.12 28.99 -0.63
C GLY B 121 -11.80 27.86 -1.58
N ARG B 122 -12.16 26.63 -1.22
CA ARG B 122 -11.79 25.50 -2.08
C ARG B 122 -12.70 25.45 -3.30
N GLY B 123 -13.96 25.12 -3.09
CA GLY B 123 -14.92 24.86 -4.15
C GLY B 123 -15.72 23.61 -3.87
N LEU B 124 -16.01 22.81 -4.91
CA LEU B 124 -16.75 21.56 -4.73
C LEU B 124 -15.96 20.54 -3.92
N GLY B 125 -14.63 20.56 -4.00
CA GLY B 125 -13.91 19.62 -3.18
C GLY B 125 -14.01 18.21 -3.72
N LEU B 126 -13.78 18.06 -5.03
CA LEU B 126 -13.64 16.75 -5.65
C LEU B 126 -12.71 16.90 -6.86
N SER B 127 -12.14 15.76 -7.29
CA SER B 127 -11.25 15.70 -8.43
C SER B 127 -11.90 15.08 -9.66
N ILE B 128 -11.41 15.49 -10.81
CA ILE B 128 -12.02 15.17 -12.10
C ILE B 128 -10.94 14.54 -12.97
N VAL B 129 -11.26 13.38 -13.56
CA VAL B 129 -10.37 12.71 -14.51
C VAL B 129 -11.22 11.98 -15.54
N GLY B 130 -10.57 11.46 -16.57
CA GLY B 130 -11.21 10.69 -17.62
C GLY B 130 -10.69 9.27 -17.65
N LYS B 131 -11.43 8.34 -18.27
CA LYS B 131 -10.95 6.96 -18.34
C LYS B 131 -9.72 6.89 -19.22
N ARG B 132 -8.77 6.01 -18.84
CA ARG B 132 -7.54 5.85 -19.62
C ARG B 132 -7.87 5.59 -21.09
N ASN B 133 -8.77 4.63 -21.33
CA ASN B 133 -9.27 4.30 -22.65
C ASN B 133 -10.79 4.23 -22.56
N GLY B 134 -11.45 5.21 -23.12
CA GLY B 134 -12.91 5.23 -23.17
C GLY B 134 -13.31 6.64 -22.83
N SER B 135 -14.43 7.08 -23.42
CA SER B 135 -14.90 8.41 -23.11
C SER B 135 -15.70 8.39 -21.81
N GLY B 136 -15.97 9.59 -21.31
CA GLY B 136 -16.61 9.81 -20.04
C GLY B 136 -15.71 10.62 -19.13
N VAL B 137 -16.29 11.04 -18.01
CA VAL B 137 -15.52 11.80 -17.04
C VAL B 137 -16.07 11.59 -15.64
N PHE B 138 -15.19 11.21 -14.71
CA PHE B 138 -15.55 10.56 -13.46
C PHE B 138 -14.87 11.24 -12.29
N ILE B 139 -15.40 10.95 -11.10
CA ILE B 139 -14.83 11.47 -9.85
C ILE B 139 -13.61 10.64 -9.47
N SER B 140 -12.53 11.31 -9.12
CA SER B 140 -11.25 10.65 -8.86
C SER B 140 -10.97 10.58 -7.37
N ASP B 141 -10.93 11.73 -6.70
CA ASP B 141 -10.56 11.83 -5.29
C ASP B 141 -11.47 12.87 -4.63
N ILE B 142 -11.91 12.58 -3.40
CA ILE B 142 -12.86 13.42 -2.65
C ILE B 142 -12.13 14.07 -1.47
N VAL B 143 -11.86 15.37 -1.55
CA VAL B 143 -11.08 16.05 -0.52
C VAL B 143 -11.82 16.02 0.82
N LYS B 144 -11.08 15.65 1.88
CA LYS B 144 -11.68 15.20 3.16
C LYS B 144 -12.66 16.22 3.75
N GLY B 145 -12.22 17.42 4.02
CA GLY B 145 -13.20 18.33 4.57
C GLY B 145 -14.14 18.91 3.54
N GLY B 146 -14.12 18.38 2.31
CA GLY B 146 -14.68 19.07 1.17
C GLY B 146 -16.18 19.22 1.24
N ALA B 147 -16.67 20.07 0.34
CA ALA B 147 -18.11 20.27 0.22
C ALA B 147 -18.78 18.99 -0.23
N ALA B 148 -18.16 18.28 -1.15
CA ALA B 148 -18.67 17.01 -1.63
C ALA B 148 -18.54 15.92 -0.57
N ASP B 149 -17.53 16.01 0.30
CA ASP B 149 -17.39 14.99 1.34
C ASP B 149 -18.51 15.08 2.36
N LEU B 150 -18.78 16.28 2.86
CA LEU B 150 -19.80 16.38 3.90
C LEU B 150 -21.18 16.05 3.37
N ASP B 151 -21.39 16.13 2.06
CA ASP B 151 -22.62 15.60 1.50
C ASP B 151 -22.61 14.08 1.53
N GLY B 152 -21.47 13.47 1.23
CA GLY B 152 -21.22 12.05 1.50
C GLY B 152 -21.87 11.07 0.54
N ARG B 153 -22.59 11.54 -0.47
CA ARG B 153 -23.28 10.61 -1.35
C ARG B 153 -22.45 10.18 -2.55
N LEU B 154 -21.45 10.97 -2.94
CA LEU B 154 -20.56 10.65 -4.04
C LEU B 154 -19.38 9.82 -3.55
N ILE B 155 -18.86 8.94 -4.42
CA ILE B 155 -17.72 8.09 -4.13
C ILE B 155 -16.81 8.07 -5.35
N GLN B 156 -15.63 7.47 -5.20
CA GLN B 156 -14.68 7.42 -6.31
C GLN B 156 -15.19 6.51 -7.41
N GLY B 157 -15.06 6.98 -8.66
CA GLY B 157 -15.55 6.25 -9.81
C GLY B 157 -16.88 6.71 -10.34
N ASP B 158 -17.60 7.55 -9.60
CA ASP B 158 -18.89 8.08 -10.05
C ASP B 158 -18.76 8.94 -11.31
N GLN B 159 -19.61 8.66 -12.29
CA GLN B 159 -19.61 9.39 -13.56
C GLN B 159 -20.45 10.65 -13.43
N ILE B 160 -19.90 11.77 -13.90
CA ILE B 160 -20.63 13.01 -13.96
C ILE B 160 -21.37 13.02 -15.29
N LEU B 161 -22.67 12.71 -15.23
CA LEU B 161 -23.45 12.63 -16.46
C LEU B 161 -23.80 14.01 -17.00
N SER B 162 -24.31 14.88 -16.14
CA SER B 162 -24.59 16.25 -16.54
C SER B 162 -24.24 17.19 -15.39
N VAL B 163 -24.09 18.46 -15.73
CA VAL B 163 -23.91 19.53 -14.76
C VAL B 163 -24.87 20.66 -15.15
N ASN B 164 -25.86 20.91 -14.29
CA ASN B 164 -26.91 21.89 -14.51
C ASN B 164 -27.65 21.66 -15.82
N GLY B 165 -28.01 20.41 -16.07
CA GLY B 165 -28.74 20.05 -17.29
C GLY B 165 -27.91 19.59 -18.48
N GLU B 166 -26.82 20.29 -18.78
CA GLU B 166 -26.00 19.98 -19.95
C GLU B 166 -25.31 18.61 -19.82
N ASP B 167 -25.54 17.73 -20.80
CA ASP B 167 -25.03 16.37 -20.78
C ASP B 167 -23.53 16.33 -21.05
N MET B 168 -22.78 15.71 -20.14
CA MET B 168 -21.33 15.62 -20.24
C MET B 168 -20.83 14.25 -20.68
N ARG B 169 -21.73 13.35 -21.05
CA ARG B 169 -21.36 11.96 -21.35
C ARG B 169 -20.17 11.85 -22.30
N ASN B 170 -20.21 12.55 -23.43
CA ASN B 170 -19.06 12.49 -24.32
C ASN B 170 -18.32 13.82 -24.33
N ALA B 171 -18.05 14.34 -23.14
CA ALA B 171 -17.32 15.59 -22.96
C ALA B 171 -15.87 15.32 -22.53
N SER B 172 -15.03 16.31 -22.78
CA SER B 172 -13.62 16.22 -22.43
C SER B 172 -13.41 16.41 -20.94
N GLN B 173 -12.19 16.13 -20.50
CA GLN B 173 -11.85 16.38 -19.11
C GLN B 173 -11.68 17.87 -18.90
N GLU B 174 -11.16 18.58 -19.92
CA GLU B 174 -11.07 20.04 -19.89
C GLU B 174 -12.47 20.67 -19.87
N THR B 175 -13.42 20.07 -20.57
CA THR B 175 -14.79 20.61 -20.60
C THR B 175 -15.41 20.62 -19.20
N VAL B 176 -15.48 19.45 -18.57
CA VAL B 176 -16.16 19.36 -17.29
C VAL B 176 -15.37 20.07 -16.21
N ALA B 177 -14.04 20.04 -16.29
CA ALA B 177 -13.23 20.85 -15.39
C ALA B 177 -13.57 22.32 -15.51
N THR B 178 -13.70 22.82 -16.74
CA THR B 178 -13.97 24.24 -16.92
C THR B 178 -15.36 24.60 -16.42
N ILE B 179 -16.34 23.76 -16.72
CA ILE B 179 -17.70 24.07 -16.29
C ILE B 179 -17.79 24.06 -14.78
N LEU B 180 -17.23 23.02 -14.15
CA LEU B 180 -17.36 22.92 -12.70
C LEU B 180 -16.58 24.01 -12.00
N LYS B 181 -15.40 24.36 -12.49
CA LYS B 181 -14.61 25.38 -11.79
C LYS B 181 -15.28 26.75 -11.88
N CYS B 182 -15.82 27.10 -13.05
CA CYS B 182 -16.39 28.43 -13.26
C CYS B 182 -17.82 28.58 -12.73
N ALA B 183 -18.50 27.49 -12.38
CA ALA B 183 -19.85 27.58 -11.85
C ALA B 183 -19.80 28.32 -10.52
N GLN B 184 -20.86 29.09 -10.23
CA GLN B 184 -20.85 29.99 -9.09
C GLN B 184 -21.64 29.52 -7.88
N GLY B 185 -22.91 29.15 -8.04
CA GLY B 185 -23.69 28.91 -6.85
C GLY B 185 -23.91 27.46 -6.49
N LEU B 186 -25.16 27.00 -6.61
CA LEU B 186 -25.48 25.62 -6.34
C LEU B 186 -25.29 24.85 -7.64
N VAL B 187 -24.66 23.68 -7.53
CA VAL B 187 -24.32 22.89 -8.70
C VAL B 187 -25.15 21.63 -8.72
N GLN B 188 -26.01 21.51 -9.72
CA GLN B 188 -26.91 20.37 -9.84
C GLN B 188 -26.24 19.32 -10.71
N LEU B 189 -25.87 18.19 -10.11
CA LEU B 189 -25.16 17.13 -10.81
C LEU B 189 -26.06 15.93 -11.00
N GLU B 190 -26.00 15.33 -12.17
CA GLU B 190 -26.45 13.95 -12.35
C GLU B 190 -25.24 13.03 -12.24
N ILE B 191 -25.44 11.88 -11.60
CA ILE B 191 -24.36 10.94 -11.34
C ILE B 191 -24.78 9.55 -11.80
N GLY B 192 -23.91 8.91 -12.58
CA GLY B 192 -24.03 7.51 -12.97
C GLY B 192 -23.04 6.63 -12.21
N ARG B 193 -23.56 5.54 -11.64
CA ARG B 193 -22.79 4.60 -10.86
C ARG B 193 -23.05 3.16 -11.30
N LEU B 194 -22.03 2.29 -11.16
CA LEU B 194 -22.20 0.90 -11.56
C LEU B 194 -23.09 0.17 -10.56
N ARG B 195 -23.49 -1.04 -10.95
CA ARG B 195 -24.41 -1.88 -10.15
C ARG B 195 -23.87 -3.30 -9.91
#